data_6Q32
#
_entry.id   6Q32
#
_cell.length_a   65.010
_cell.length_b   123.290
_cell.length_c   133.140
_cell.angle_alpha   90.00
_cell.angle_beta   90.00
_cell.angle_gamma   90.00
#
_symmetry.space_group_name_H-M   'I 2 2 2'
#
loop_
_entity.id
_entity.type
_entity.pdbx_description
1 polymer 'Molybdopterin biosynthesis protein CNX1'
2 non-polymer Moco-AMP
3 non-polymer 'MAGNESIUM ION'
4 non-polymer '2-(N-MORPHOLINO)-ETHANESULFONIC ACID'
5 non-polymer 'TRIETHYLENE GLYCOL'
6 water water
#
_entity_poly.entity_id   1
_entity_poly.type   'polypeptide(L)'
_entity_poly.pdbx_seq_one_letter_code
;MSRGSMEGQGCCGGGGGKTEMIPTEEALRIVFGVSKRLPPVIVSLYEALGKVLAEDIRAPDPLPPYPASVKDGYAVVASD
GPGEYPVITESRAGNDGLGVTVTPGTVAYVTTGGPIPDGADAVVQVEDTKVIGDVSTESKRVKILIQTKKGTDIRRVGCD
IEKDATVLTTGERIGASEIGLLATAGVTMVKVYPMPIVAILSTGDELVEPTAGTLGRGQIRDSNRAMLVAAVMQQQCKVV
DLGIVRDDRKELEKVLDEAVSSGVDIILTSGGVDMGDRSFVKPLLEEKGKVYFSKVLMKPGKPLTFAEIRAKPTESMLGK
TVLAFGLPGNPVSCLVCFNIFVVPTIRQLAGWTSPHPLRVRLRLQEPIKSDPIRPEFHRAIIKWKDNDGSGTPGFVAEST
GHQMSSRLLSMRSANALLELPATGNVLSAGSSVSAIIVSDISAFSIDKKASLSEPGSTSGGSAWSHPQFEK
;
_entity_poly.pdbx_strand_id   A
#
loop_
_chem_comp.id
_chem_comp.type
_chem_comp.name
_chem_comp.formula
MES non-polymer '2-(N-MORPHOLINO)-ETHANESULFONIC ACID' 'C6 H13 N O4 S'
MG non-polymer 'MAGNESIUM ION' 'Mg 2'
NWS non-polymer Moco-AMP 'C20 H26 Mo N10 O15 P2 S2'
PGE non-polymer 'TRIETHYLENE GLYCOL' 'C6 H14 O4'
#
# COMPACT_ATOMS: atom_id res chain seq x y z
N GLU A 20 17.91 -29.74 6.61
CA GLU A 20 18.55 -28.48 6.25
C GLU A 20 17.52 -27.47 5.75
N MET A 21 16.59 -27.87 4.84
CA MET A 21 15.56 -26.97 4.32
C MET A 21 14.49 -26.70 5.41
N ILE A 22 14.41 -25.47 5.90
CA ILE A 22 13.41 -25.09 6.90
C ILE A 22 12.08 -24.75 6.18
N PRO A 23 10.93 -25.00 6.81
CA PRO A 23 9.64 -24.64 6.19
C PRO A 23 9.52 -23.14 5.94
N THR A 24 8.71 -22.72 4.96
CA THR A 24 8.55 -21.31 4.64
C THR A 24 8.01 -20.50 5.81
N GLU A 25 7.07 -21.11 6.55
CA GLU A 25 6.48 -20.43 7.71
C GLU A 25 7.55 -20.11 8.75
N GLU A 26 8.54 -21.01 8.94
CA GLU A 26 9.63 -20.78 9.90
C GLU A 26 10.57 -19.69 9.37
N ALA A 27 10.92 -19.76 8.07
CA ALA A 27 11.80 -18.75 7.46
C ALA A 27 11.15 -17.36 7.59
N LEU A 28 9.84 -17.27 7.33
CA LEU A 28 9.11 -16.01 7.50
C LEU A 28 9.12 -15.53 8.96
N ARG A 29 8.92 -16.44 9.93
CA ARG A 29 8.98 -16.04 11.35
C ARG A 29 10.36 -15.51 11.72
N ILE A 30 11.42 -16.11 11.16
CA ILE A 30 12.78 -15.64 11.43
C ILE A 30 12.94 -14.22 10.88
N VAL A 31 12.57 -14.03 9.62
CA VAL A 31 12.67 -12.71 9.00
C VAL A 31 11.88 -11.66 9.81
N PHE A 32 10.65 -12.00 10.21
CA PHE A 32 9.80 -11.12 11.01
C PHE A 32 10.45 -10.74 12.36
N GLY A 33 11.05 -11.72 13.05
CA GLY A 33 11.69 -11.45 14.32
C GLY A 33 12.97 -10.65 14.24
N VAL A 34 13.68 -10.75 13.11
CA VAL A 34 14.93 -10.05 12.92
C VAL A 34 14.67 -8.63 12.43
N SER A 35 13.67 -8.43 11.56
CA SER A 35 13.40 -7.14 10.93
C SER A 35 12.85 -6.15 11.91
N LYS A 36 13.32 -4.91 11.85
CA LYS A 36 12.88 -3.88 12.78
C LYS A 36 12.38 -2.66 12.05
N ARG A 37 11.33 -2.08 12.58
CA ARG A 37 10.77 -0.85 12.07
C ARG A 37 11.83 0.26 12.05
N LEU A 38 11.84 1.04 10.97
CA LEU A 38 12.79 2.13 10.83
C LEU A 38 12.43 3.32 11.72
N PRO A 39 13.42 4.15 12.06
CA PRO A 39 13.12 5.34 12.87
C PRO A 39 12.22 6.32 12.11
N PRO A 40 11.24 6.94 12.78
CA PRO A 40 10.34 7.85 12.08
C PRO A 40 11.01 9.16 11.66
N VAL A 41 10.41 9.83 10.69
CA VAL A 41 10.90 11.07 10.14
C VAL A 41 9.73 12.02 9.99
N ILE A 42 10.04 13.29 9.70
CA ILE A 42 9.00 14.30 9.47
C ILE A 42 9.03 14.67 8.01
N VAL A 43 7.88 14.55 7.33
CA VAL A 43 7.80 14.79 5.89
C VAL A 43 6.70 15.77 5.57
N SER A 44 6.69 16.24 4.34
CA SER A 44 5.64 17.16 3.89
C SER A 44 4.35 16.38 3.60
N LEU A 45 3.24 17.10 3.46
CA LEU A 45 1.95 16.46 3.23
C LEU A 45 1.96 15.44 2.11
N TYR A 46 2.47 15.80 0.93
CA TYR A 46 2.41 14.85 -0.17
C TYR A 46 3.45 13.75 -0.09
N GLU A 47 4.55 14.00 0.62
CA GLU A 47 5.52 12.93 0.90
C GLU A 47 4.96 11.88 1.87
N ALA A 48 3.92 12.25 2.62
CA ALA A 48 3.32 11.33 3.59
C ALA A 48 2.46 10.27 2.89
N LEU A 49 1.98 10.54 1.68
CA LEU A 49 1.10 9.59 0.99
C LEU A 49 1.80 8.24 0.84
N GLY A 50 1.09 7.19 1.22
CA GLY A 50 1.60 5.83 1.15
C GLY A 50 2.33 5.40 2.41
N LYS A 51 2.69 6.35 3.28
CA LYS A 51 3.44 6.03 4.49
C LYS A 51 2.54 5.76 5.66
N VAL A 52 3.11 5.12 6.68
CA VAL A 52 2.40 4.81 7.91
C VAL A 52 2.64 5.91 8.91
N LEU A 53 1.56 6.43 9.50
CA LEU A 53 1.71 7.45 10.54
C LEU A 53 2.48 6.97 11.74
N ALA A 54 3.35 7.85 12.29
CA ALA A 54 4.09 7.55 13.50
C ALA A 54 3.68 8.49 14.63
N GLU A 55 2.53 9.17 14.49
CA GLU A 55 1.95 10.01 15.52
C GLU A 55 0.45 10.04 15.31
N ASP A 56 -0.26 10.38 16.36
CA ASP A 56 -1.69 10.58 16.23
C ASP A 56 -1.89 11.99 15.69
N ILE A 57 -3.02 12.22 15.01
CA ILE A 57 -3.33 13.53 14.45
C ILE A 57 -4.61 14.01 15.10
N ARG A 58 -4.60 15.20 15.67
CA ARG A 58 -5.75 15.77 16.35
C ARG A 58 -6.28 16.98 15.61
N ALA A 59 -7.62 17.12 15.59
CA ALA A 59 -8.25 18.25 14.95
C ALA A 59 -8.04 19.49 15.83
N PRO A 60 -7.44 20.58 15.32
CA PRO A 60 -7.22 21.76 16.16
C PRO A 60 -8.50 22.61 16.34
N ASP A 61 -9.50 22.39 15.49
CA ASP A 61 -10.76 23.12 15.51
C ASP A 61 -11.82 22.18 14.99
N PRO A 62 -13.10 22.49 15.24
CA PRO A 62 -14.17 21.60 14.81
C PRO A 62 -14.43 21.67 13.30
N LEU A 63 -15.06 20.64 12.75
CA LEU A 63 -15.52 20.69 11.36
C LEU A 63 -17.03 20.42 11.44
N PRO A 64 -17.89 21.34 10.95
CA PRO A 64 -17.57 22.69 10.56
C PRO A 64 -17.25 23.50 11.83
N PRO A 65 -16.46 24.57 11.72
CA PRO A 65 -16.13 25.39 12.90
C PRO A 65 -17.20 26.45 13.22
N TYR A 66 -18.25 26.49 12.39
CA TYR A 66 -19.41 27.37 12.52
C TYR A 66 -20.64 26.56 12.11
N PRO A 67 -21.84 26.88 12.62
CA PRO A 67 -23.04 26.17 12.13
C PRO A 67 -23.18 26.44 10.64
N ALA A 68 -23.27 25.37 9.82
CA ALA A 68 -23.20 25.49 8.36
C ALA A 68 -24.43 24.93 7.71
N SER A 69 -24.89 25.57 6.65
CA SER A 69 -26.05 25.06 5.93
C SER A 69 -25.70 23.84 5.10
N VAL A 70 -26.60 22.85 5.07
CA VAL A 70 -26.49 21.65 4.23
C VAL A 70 -27.05 21.95 2.83
N LYS A 71 -27.86 23.05 2.70
CA LYS A 71 -28.56 23.32 1.46
C LYS A 71 -28.48 24.76 1.04
N ASP A 72 -28.72 24.99 -0.23
CA ASP A 72 -28.97 26.32 -0.75
C ASP A 72 -30.43 26.59 -0.41
N GLY A 73 -30.71 27.70 0.24
CA GLY A 73 -32.06 27.98 0.69
C GLY A 73 -32.11 29.11 1.68
N TYR A 74 -32.97 28.99 2.70
CA TYR A 74 -33.16 30.05 3.67
C TYR A 74 -33.04 29.56 5.07
N ALA A 75 -32.30 30.33 5.90
CA ALA A 75 -32.16 30.07 7.32
C ALA A 75 -33.37 30.74 7.95
N VAL A 76 -34.15 29.98 8.74
CA VAL A 76 -35.41 30.45 9.33
C VAL A 76 -35.46 30.18 10.81
N VAL A 77 -36.53 30.70 11.45
CA VAL A 77 -36.93 30.36 12.81
C VAL A 77 -38.01 29.31 12.53
N ALA A 78 -37.76 28.05 12.88
CA ALA A 78 -38.63 26.92 12.57
C ALA A 78 -40.09 27.11 13.04
N SER A 79 -40.29 27.73 14.20
CA SER A 79 -41.63 27.96 14.76
C SER A 79 -42.48 28.96 13.95
N ASP A 80 -41.85 29.75 13.03
CA ASP A 80 -42.63 30.71 12.22
C ASP A 80 -43.59 29.99 11.29
N GLY A 81 -43.12 28.91 10.69
CA GLY A 81 -43.88 28.08 9.77
C GLY A 81 -44.02 28.69 8.39
N PRO A 82 -44.87 28.09 7.54
CA PRO A 82 -45.09 28.67 6.20
C PRO A 82 -45.59 30.12 6.25
N GLY A 83 -45.13 30.90 5.28
CA GLY A 83 -45.50 32.31 5.18
C GLY A 83 -44.56 33.09 4.29
N GLU A 84 -44.82 34.40 4.18
CA GLU A 84 -44.04 35.32 3.37
C GLU A 84 -43.22 36.14 4.33
N TYR A 85 -41.91 36.22 4.11
CA TYR A 85 -40.99 36.91 5.01
C TYR A 85 -39.97 37.75 4.29
N PRO A 86 -39.49 38.85 4.92
CA PRO A 86 -38.37 39.61 4.34
C PRO A 86 -37.05 38.85 4.51
N VAL A 87 -36.17 38.97 3.51
CA VAL A 87 -34.85 38.37 3.51
C VAL A 87 -33.95 39.46 4.08
N ILE A 88 -33.38 39.25 5.28
CA ILE A 88 -32.64 40.31 5.98
C ILE A 88 -31.14 40.27 5.76
N THR A 89 -30.60 39.13 5.29
CA THR A 89 -29.19 39.02 4.92
C THR A 89 -28.99 37.83 4.03
N GLU A 90 -27.79 37.71 3.46
CA GLU A 90 -27.40 36.61 2.59
C GLU A 90 -26.12 36.08 3.13
N SER A 91 -26.02 34.76 3.28
CA SER A 91 -24.82 34.18 3.88
C SER A 91 -24.25 33.03 3.09
N ARG A 92 -23.05 33.25 2.54
CA ARG A 92 -22.34 32.24 1.75
C ARG A 92 -21.00 31.85 2.31
N ALA A 93 -20.28 32.78 2.95
CA ALA A 93 -18.97 32.50 3.47
C ALA A 93 -18.53 33.59 4.42
N GLY A 94 -17.46 33.31 5.15
CA GLY A 94 -16.76 34.28 5.96
C GLY A 94 -17.62 35.09 6.91
N ASN A 95 -17.54 36.41 6.78
CA ASN A 95 -18.25 37.37 7.62
C ASN A 95 -19.65 37.75 7.12
N ASP A 96 -20.16 37.04 6.09
CA ASP A 96 -21.49 37.37 5.60
C ASP A 96 -22.49 37.21 6.73
N GLY A 97 -23.34 38.22 6.95
CA GLY A 97 -24.37 38.14 7.98
C GLY A 97 -23.86 38.35 9.40
N LEU A 98 -22.59 38.74 9.55
CA LEU A 98 -22.02 38.99 10.87
C LEU A 98 -22.78 40.13 11.52
N GLY A 99 -23.19 39.93 12.76
CA GLY A 99 -23.94 40.91 13.53
C GLY A 99 -25.41 41.02 13.20
N VAL A 100 -25.92 40.23 12.23
CA VAL A 100 -27.32 40.22 11.85
C VAL A 100 -28.00 39.09 12.62
N THR A 101 -29.13 39.39 13.24
CA THR A 101 -29.90 38.36 13.94
C THR A 101 -31.18 38.06 13.17
N VAL A 102 -31.40 36.79 12.88
CA VAL A 102 -32.63 36.33 12.25
C VAL A 102 -33.63 36.16 13.39
N THR A 103 -34.57 37.10 13.47
CA THR A 103 -35.61 37.11 14.50
C THR A 103 -36.89 36.49 13.97
N PRO A 104 -37.85 36.09 14.83
CA PRO A 104 -39.13 35.59 14.30
C PRO A 104 -39.74 36.61 13.34
N GLY A 105 -40.14 36.15 12.18
CA GLY A 105 -40.70 37.00 11.14
C GLY A 105 -39.70 37.39 10.06
N THR A 106 -38.47 36.84 10.10
CA THR A 106 -37.44 37.14 9.11
C THR A 106 -36.74 35.87 8.69
N VAL A 107 -36.05 35.91 7.54
CA VAL A 107 -35.26 34.79 7.06
C VAL A 107 -33.98 35.33 6.45
N ALA A 108 -33.04 34.45 6.16
CA ALA A 108 -31.80 34.84 5.50
C ALA A 108 -31.48 33.85 4.42
N TYR A 109 -31.01 34.34 3.27
CA TYR A 109 -30.60 33.42 2.22
C TYR A 109 -29.29 32.76 2.63
N VAL A 110 -29.11 31.46 2.36
CA VAL A 110 -27.88 30.74 2.63
C VAL A 110 -27.54 29.82 1.47
N THR A 111 -26.25 29.65 1.20
CA THR A 111 -25.76 28.68 0.23
C THR A 111 -25.18 27.52 1.01
N THR A 112 -24.98 26.36 0.37
CA THR A 112 -24.44 25.20 1.05
C THR A 112 -23.06 25.54 1.58
N GLY A 113 -22.83 25.27 2.87
CA GLY A 113 -21.58 25.59 3.53
C GLY A 113 -21.56 26.99 4.11
N GLY A 114 -22.57 27.82 3.83
CA GLY A 114 -22.60 29.15 4.36
C GLY A 114 -22.88 29.15 5.85
N PRO A 115 -22.37 30.15 6.56
CA PRO A 115 -22.61 30.21 8.02
C PRO A 115 -24.04 30.60 8.36
N ILE A 116 -24.66 29.86 9.29
CA ILE A 116 -26.03 30.17 9.68
C ILE A 116 -26.00 31.45 10.51
N PRO A 117 -26.83 32.46 10.17
CA PRO A 117 -26.86 33.67 11.00
C PRO A 117 -27.40 33.39 12.40
N ASP A 118 -26.98 34.21 13.36
CA ASP A 118 -27.48 34.10 14.73
C ASP A 118 -29.01 34.19 14.71
N GLY A 119 -29.67 33.40 15.55
CA GLY A 119 -31.11 33.43 15.67
C GLY A 119 -31.86 32.41 14.84
N ALA A 120 -31.33 32.07 13.65
CA ALA A 120 -31.96 31.04 12.81
C ALA A 120 -31.67 29.68 13.41
N ASP A 121 -32.60 28.74 13.29
CA ASP A 121 -32.44 27.42 13.87
C ASP A 121 -32.75 26.27 12.92
N ALA A 122 -33.05 26.55 11.63
CA ALA A 122 -33.30 25.54 10.62
C ALA A 122 -33.05 26.17 9.27
N VAL A 123 -32.89 25.33 8.25
CA VAL A 123 -32.76 25.76 6.87
C VAL A 123 -33.87 25.11 6.07
N VAL A 124 -34.55 25.89 5.25
CA VAL A 124 -35.55 25.39 4.32
C VAL A 124 -34.90 25.47 2.93
N GLN A 125 -34.62 24.34 2.30
CA GLN A 125 -34.00 24.32 0.98
C GLN A 125 -34.81 25.15 -0.03
N VAL A 126 -34.12 25.73 -1.03
CA VAL A 126 -34.75 26.65 -2.00
C VAL A 126 -35.94 26.01 -2.76
N GLU A 127 -35.92 24.68 -2.96
CA GLU A 127 -37.03 24.00 -3.65
C GLU A 127 -38.36 24.10 -2.89
N ASP A 128 -38.30 24.35 -1.56
CA ASP A 128 -39.49 24.49 -0.72
C ASP A 128 -39.79 25.96 -0.45
N THR A 129 -39.41 26.84 -1.39
CA THR A 129 -39.63 28.28 -1.27
C THR A 129 -39.92 28.90 -2.63
N LYS A 130 -40.34 30.17 -2.62
CA LYS A 130 -40.57 30.91 -3.85
C LYS A 130 -40.28 32.38 -3.58
N VAL A 131 -39.56 33.06 -4.49
CA VAL A 131 -39.26 34.49 -4.36
C VAL A 131 -40.51 35.25 -4.75
N ILE A 132 -40.89 36.25 -3.93
CA ILE A 132 -42.06 37.10 -4.16
C ILE A 132 -41.64 38.54 -4.44
N GLY A 133 -42.33 39.16 -5.39
CA GLY A 133 -42.20 40.58 -5.72
C GLY A 133 -41.10 41.02 -6.68
N ASP A 134 -41.17 42.35 -7.00
CA ASP A 134 -40.30 43.19 -7.84
C ASP A 134 -41.15 44.23 -8.57
N GLU A 138 -39.26 46.34 -4.54
CA GLU A 138 -37.98 45.76 -4.92
C GLU A 138 -37.20 45.16 -3.72
N SER A 139 -37.70 45.32 -2.46
CA SER A 139 -37.04 44.75 -1.28
C SER A 139 -37.20 43.22 -1.29
N LYS A 140 -36.15 42.48 -0.93
CA LYS A 140 -36.16 41.02 -0.99
C LYS A 140 -37.13 40.33 -0.01
N ARG A 141 -38.04 39.50 -0.58
CA ARG A 141 -39.06 38.73 0.17
C ARG A 141 -39.20 37.31 -0.41
N VAL A 142 -39.52 36.34 0.47
CA VAL A 142 -39.62 34.94 0.07
C VAL A 142 -40.80 34.27 0.76
N LYS A 143 -41.44 33.35 0.06
CA LYS A 143 -42.50 32.54 0.59
C LYS A 143 -41.91 31.17 1.01
N ILE A 144 -41.98 30.84 2.32
CA ILE A 144 -41.54 29.55 2.85
C ILE A 144 -42.76 28.63 2.69
N LEU A 145 -42.64 27.56 1.89
CA LEU A 145 -43.81 26.72 1.55
C LEU A 145 -44.07 25.49 2.45
N ILE A 146 -43.21 25.24 3.46
CA ILE A 146 -43.36 24.11 4.38
C ILE A 146 -43.17 24.50 5.84
N GLN A 147 -43.56 23.57 6.73
CA GLN A 147 -43.33 23.68 8.16
C GLN A 147 -42.09 22.83 8.39
N THR A 148 -40.99 23.43 8.81
CA THR A 148 -39.76 22.69 9.08
C THR A 148 -39.63 22.42 10.58
N LYS A 149 -38.57 21.70 10.95
CA LYS A 149 -38.26 21.36 12.34
C LYS A 149 -36.88 21.93 12.67
N LYS A 150 -36.72 22.34 13.93
CA LYS A 150 -35.46 22.88 14.44
C LYS A 150 -34.31 21.93 14.12
N GLY A 151 -33.21 22.48 13.60
CA GLY A 151 -32.02 21.71 13.26
C GLY A 151 -31.96 21.15 11.85
N THR A 152 -33.07 21.25 11.08
CA THR A 152 -33.11 20.69 9.73
C THR A 152 -32.09 21.36 8.82
N ASP A 153 -31.32 20.53 8.12
CA ASP A 153 -30.35 20.97 7.12
C ASP A 153 -29.32 21.99 7.64
N ILE A 154 -28.93 21.83 8.93
CA ILE A 154 -27.83 22.57 9.53
C ILE A 154 -26.83 21.53 10.04
N ARG A 155 -25.55 21.77 9.77
CA ARG A 155 -24.48 21.01 10.38
C ARG A 155 -24.04 21.81 11.59
N ARG A 156 -24.30 21.32 12.82
CA ARG A 156 -23.83 22.00 14.02
C ARG A 156 -22.30 22.02 14.07
N VAL A 157 -21.76 22.93 14.86
CA VAL A 157 -20.32 23.00 15.07
C VAL A 157 -19.84 21.62 15.53
N GLY A 158 -18.81 21.11 14.86
CA GLY A 158 -18.21 19.83 15.21
C GLY A 158 -18.97 18.58 14.81
N CYS A 159 -20.04 18.75 14.02
CA CYS A 159 -20.89 17.73 13.46
C CYS A 159 -20.06 16.60 12.82
N ASP A 160 -19.09 17.00 12.02
CA ASP A 160 -18.29 16.07 11.23
C ASP A 160 -17.04 15.65 11.96
N ILE A 161 -16.36 16.60 12.59
CA ILE A 161 -15.14 16.35 13.37
C ILE A 161 -15.20 17.26 14.60
N GLU A 162 -15.08 16.69 15.79
CA GLU A 162 -15.04 17.52 16.98
C GLU A 162 -13.65 18.08 17.20
N LYS A 163 -13.57 19.28 17.79
CA LYS A 163 -12.29 19.86 18.17
C LYS A 163 -11.58 18.88 19.13
N ASP A 164 -10.28 18.73 18.90
CA ASP A 164 -9.39 17.85 19.66
C ASP A 164 -9.66 16.36 19.46
N ALA A 165 -10.53 15.97 18.51
CA ALA A 165 -10.73 14.56 18.23
C ALA A 165 -9.49 14.01 17.54
N THR A 166 -9.20 12.72 17.74
CA THR A 166 -8.11 12.07 17.02
C THR A 166 -8.71 11.64 15.69
N VAL A 167 -8.26 12.26 14.59
CA VAL A 167 -8.79 11.94 13.27
C VAL A 167 -8.01 10.83 12.61
N LEU A 168 -6.71 10.69 12.95
CA LEU A 168 -5.84 9.64 12.43
C LEU A 168 -4.97 9.16 13.57
N THR A 169 -4.59 7.87 13.56
CA THR A 169 -3.80 7.30 14.64
C THR A 169 -2.50 6.72 14.16
N THR A 170 -1.51 6.70 15.08
N THR A 170 -1.53 6.67 15.08
CA THR A 170 -0.22 6.08 14.84
CA THR A 170 -0.25 6.02 14.76
C THR A 170 -0.44 4.61 14.35
C THR A 170 -0.52 4.60 14.26
N GLY A 171 0.24 4.21 13.27
CA GLY A 171 0.11 2.89 12.68
C GLY A 171 -0.88 2.83 11.53
N GLU A 172 -1.55 3.96 11.22
CA GLU A 172 -2.50 4.04 10.13
C GLU A 172 -1.78 4.41 8.84
N ARG A 173 -2.03 3.68 7.73
CA ARG A 173 -1.41 4.01 6.46
C ARG A 173 -2.18 5.17 5.83
N ILE A 174 -1.45 6.09 5.22
CA ILE A 174 -2.02 7.30 4.63
C ILE A 174 -2.36 7.07 3.17
N GLY A 175 -3.65 7.11 2.84
CA GLY A 175 -4.16 7.14 1.48
C GLY A 175 -4.79 8.48 1.19
N ALA A 176 -5.54 8.57 0.10
CA ALA A 176 -6.09 9.87 -0.29
C ALA A 176 -7.04 10.49 0.74
N SER A 177 -7.92 9.71 1.35
CA SER A 177 -8.84 10.28 2.36
C SER A 177 -8.06 10.74 3.58
N GLU A 178 -6.98 10.02 3.93
CA GLU A 178 -6.15 10.42 5.06
C GLU A 178 -5.42 11.74 4.80
N ILE A 179 -4.93 11.94 3.57
CA ILE A 179 -4.35 13.23 3.17
C ILE A 179 -5.44 14.30 3.33
N GLY A 180 -6.66 14.01 2.87
CA GLY A 180 -7.78 14.93 3.08
C GLY A 180 -7.98 15.28 4.54
N LEU A 181 -7.90 14.30 5.44
CA LEU A 181 -8.08 14.56 6.88
C LEU A 181 -6.94 15.37 7.45
N LEU A 182 -5.70 15.10 7.01
CA LEU A 182 -4.55 15.93 7.42
C LEU A 182 -4.75 17.38 6.99
N ALA A 183 -5.22 17.59 5.77
CA ALA A 183 -5.48 18.94 5.26
C ALA A 183 -6.59 19.61 6.02
N THR A 184 -7.65 18.86 6.33
CA THR A 184 -8.79 19.37 7.11
C THR A 184 -8.26 19.91 8.45
N ALA A 185 -7.35 19.16 9.08
CA ALA A 185 -6.79 19.49 10.40
C ALA A 185 -5.62 20.48 10.35
N GLY A 186 -5.27 20.97 9.17
CA GLY A 186 -4.19 21.92 9.00
C GLY A 186 -2.80 21.39 9.28
N VAL A 187 -2.61 20.09 9.06
CA VAL A 187 -1.35 19.43 9.31
C VAL A 187 -0.67 19.26 8.00
N THR A 188 0.42 19.96 7.80
CA THR A 188 1.14 19.83 6.53
C THR A 188 2.59 19.29 6.75
N MET A 189 2.99 18.99 7.99
N MET A 189 3.09 19.18 8.04
CA MET A 189 4.28 18.38 8.32
CA MET A 189 4.34 18.50 8.45
C MET A 189 3.94 17.23 9.21
C MET A 189 3.78 17.22 9.13
N VAL A 190 4.24 16.02 8.74
CA VAL A 190 3.71 14.76 9.26
C VAL A 190 4.79 13.80 9.72
N LYS A 191 4.65 13.22 10.92
CA LYS A 191 5.60 12.24 11.41
C LYS A 191 5.16 10.86 10.94
N VAL A 192 6.03 10.20 10.17
CA VAL A 192 5.74 8.91 9.54
C VAL A 192 6.91 7.98 9.65
N TYR A 193 6.67 6.69 9.35
CA TYR A 193 7.77 5.75 9.20
C TYR A 193 8.18 5.84 7.71
N PRO A 194 9.50 5.95 7.45
CA PRO A 194 9.97 6.03 6.07
C PRO A 194 9.97 4.67 5.42
N MET A 195 10.21 4.64 4.12
CA MET A 195 10.40 3.40 3.43
C MET A 195 11.89 3.04 3.54
N PRO A 196 12.24 1.75 3.52
CA PRO A 196 13.64 1.39 3.46
C PRO A 196 14.29 1.75 2.13
N ILE A 197 15.59 1.95 2.17
CA ILE A 197 16.41 2.17 0.97
C ILE A 197 16.97 0.79 0.63
N VAL A 198 16.87 0.41 -0.66
CA VAL A 198 17.24 -0.93 -1.06
C VAL A 198 18.33 -0.93 -2.11
N ALA A 199 19.41 -1.64 -1.86
CA ALA A 199 20.49 -1.79 -2.84
C ALA A 199 20.29 -3.10 -3.57
N ILE A 200 20.58 -3.10 -4.88
CA ILE A 200 20.37 -4.28 -5.69
C ILE A 200 21.57 -4.55 -6.56
N LEU A 201 21.99 -5.79 -6.62
CA LEU A 201 23.06 -6.18 -7.55
C LEU A 201 22.74 -7.52 -8.17
N SER A 202 23.34 -7.77 -9.35
CA SER A 202 23.30 -9.07 -9.99
C SER A 202 24.70 -9.67 -9.95
N THR A 203 24.79 -10.99 -10.02
CA THR A 203 26.08 -11.67 -10.08
C THR A 203 26.16 -12.59 -11.28
N GLY A 204 27.36 -12.70 -11.85
CA GLY A 204 27.61 -13.71 -12.86
C GLY A 204 28.52 -13.30 -13.99
N ASP A 205 29.47 -14.17 -14.32
CA ASP A 205 30.36 -13.93 -15.43
C ASP A 205 29.66 -14.03 -16.79
N GLU A 206 28.50 -14.71 -16.84
CA GLU A 206 27.76 -14.88 -18.09
C GLU A 206 26.86 -13.68 -18.42
N LEU A 207 26.68 -12.76 -17.49
CA LEU A 207 25.75 -11.67 -17.71
C LEU A 207 26.32 -10.56 -18.55
N VAL A 208 25.45 -9.91 -19.33
CA VAL A 208 25.74 -8.68 -19.99
C VAL A 208 24.58 -7.70 -19.64
N GLU A 209 24.79 -6.42 -19.90
CA GLU A 209 23.75 -5.46 -19.63
C GLU A 209 22.56 -5.72 -20.56
N PRO A 210 21.36 -5.31 -20.14
CA PRO A 210 20.18 -5.47 -21.01
C PRO A 210 20.20 -4.60 -22.25
N THR A 211 21.15 -3.65 -22.36
CA THR A 211 21.34 -2.87 -23.59
C THR A 211 22.07 -3.69 -24.64
N ALA A 212 22.68 -4.83 -24.30
CA ALA A 212 23.41 -5.60 -25.30
C ALA A 212 22.54 -6.06 -26.47
N GLY A 213 23.13 -5.97 -27.64
CA GLY A 213 22.56 -6.48 -28.88
C GLY A 213 22.95 -7.93 -29.07
N THR A 214 23.67 -8.25 -30.14
CA THR A 214 24.09 -9.63 -30.38
C THR A 214 24.85 -10.17 -29.19
N LEU A 215 24.45 -11.35 -28.71
CA LEU A 215 25.10 -11.96 -27.58
C LEU A 215 26.23 -12.85 -28.05
N GLY A 216 27.33 -12.79 -27.34
CA GLY A 216 28.46 -13.69 -27.59
C GLY A 216 28.13 -15.05 -27.02
N ARG A 217 28.94 -16.06 -27.32
CA ARG A 217 28.72 -17.39 -26.75
C ARG A 217 28.68 -17.34 -25.24
N GLY A 218 27.76 -18.09 -24.63
CA GLY A 218 27.71 -18.18 -23.18
C GLY A 218 27.38 -16.90 -22.46
N GLN A 219 26.63 -16.00 -23.10
CA GLN A 219 26.18 -14.75 -22.46
C GLN A 219 24.68 -14.70 -22.46
N ILE A 220 24.12 -14.07 -21.43
CA ILE A 220 22.70 -13.75 -21.37
C ILE A 220 22.56 -12.33 -20.86
N ARG A 221 21.43 -11.67 -21.14
CA ARG A 221 21.22 -10.37 -20.54
C ARG A 221 20.81 -10.49 -19.09
N ASP A 222 21.30 -9.58 -18.27
CA ASP A 222 20.92 -9.45 -16.87
C ASP A 222 19.47 -8.98 -16.86
N SER A 223 18.54 -9.87 -16.49
CA SER A 223 17.12 -9.53 -16.36
C SER A 223 16.73 -9.37 -14.89
N ASN A 224 17.38 -10.07 -13.95
CA ASN A 224 16.95 -9.99 -12.58
C ASN A 224 17.08 -8.61 -11.99
N ARG A 225 18.15 -7.90 -12.34
CA ARG A 225 18.37 -6.59 -11.69
C ARG A 225 17.26 -5.61 -12.07
N ALA A 226 16.97 -5.48 -13.36
CA ALA A 226 15.88 -4.58 -13.75
C ALA A 226 14.55 -5.02 -13.17
N MET A 227 14.31 -6.33 -13.15
CA MET A 227 13.08 -6.88 -12.58
C MET A 227 12.98 -6.48 -11.12
N LEU A 228 14.08 -6.61 -10.35
CA LEU A 228 14.04 -6.27 -8.92
C LEU A 228 13.94 -4.76 -8.70
N VAL A 229 14.64 -3.97 -9.53
CA VAL A 229 14.50 -2.50 -9.43
C VAL A 229 13.02 -2.15 -9.58
N ALA A 230 12.38 -2.70 -10.62
CA ALA A 230 10.94 -2.46 -10.80
C ALA A 230 10.12 -2.94 -9.63
N ALA A 231 10.43 -4.13 -9.12
CA ALA A 231 9.65 -4.67 -7.98
C ALA A 231 9.77 -3.77 -6.74
N VAL A 232 10.95 -3.23 -6.52
CA VAL A 232 11.18 -2.32 -5.39
C VAL A 232 10.51 -0.97 -5.65
N MET A 233 10.56 -0.49 -6.89
CA MET A 233 9.85 0.77 -7.26
C MET A 233 8.37 0.61 -6.94
N GLN A 234 7.77 -0.57 -7.23
CA GLN A 234 6.35 -0.82 -6.96
C GLN A 234 6.04 -0.76 -5.48
N GLN A 235 7.05 -1.06 -4.62
CA GLN A 235 6.92 -0.93 -3.19
C GLN A 235 7.27 0.46 -2.66
N GLN A 236 7.49 1.43 -3.53
N GLN A 236 7.50 1.43 -3.56
CA GLN A 236 7.69 2.82 -3.16
CA GLN A 236 7.73 2.85 -3.29
C GLN A 236 8.97 3.07 -2.37
C GLN A 236 9.03 3.16 -2.56
N CYS A 237 10.02 2.27 -2.65
CA CYS A 237 11.33 2.44 -2.00
C CYS A 237 12.34 3.04 -2.96
N LYS A 238 13.27 3.79 -2.40
CA LYS A 238 14.43 4.28 -3.15
C LYS A 238 15.33 3.08 -3.45
N VAL A 239 15.85 3.04 -4.67
CA VAL A 239 16.74 1.98 -5.13
C VAL A 239 18.14 2.51 -5.32
N VAL A 240 19.12 1.69 -4.95
CA VAL A 240 20.53 1.94 -5.21
C VAL A 240 20.91 0.78 -6.14
N ASP A 241 21.20 1.07 -7.39
CA ASP A 241 21.52 0.06 -8.40
C ASP A 241 23.03 -0.13 -8.40
N LEU A 242 23.49 -1.27 -7.91
CA LEU A 242 24.91 -1.56 -7.80
C LEU A 242 25.47 -2.36 -8.97
N GLY A 243 24.66 -2.63 -9.96
CA GLY A 243 25.14 -3.21 -11.21
C GLY A 243 25.43 -4.69 -11.18
N ILE A 244 26.18 -5.12 -12.21
CA ILE A 244 26.60 -6.50 -12.37
C ILE A 244 27.93 -6.66 -11.65
N VAL A 245 28.03 -7.72 -10.84
CA VAL A 245 29.23 -8.08 -10.14
C VAL A 245 29.68 -9.45 -10.68
N ARG A 246 30.98 -9.58 -10.99
CA ARG A 246 31.51 -10.80 -11.54
C ARG A 246 31.80 -11.82 -10.45
N ASP A 247 32.05 -13.05 -10.87
CA ASP A 247 32.25 -14.16 -9.93
C ASP A 247 33.67 -14.19 -9.39
N ASP A 248 33.94 -13.18 -8.56
CA ASP A 248 35.24 -12.93 -7.98
C ASP A 248 34.97 -12.50 -6.54
N ARG A 249 35.50 -13.26 -5.60
CA ARG A 249 35.23 -13.02 -4.19
C ARG A 249 35.61 -11.63 -3.71
N LYS A 250 36.81 -11.16 -4.07
CA LYS A 250 37.24 -9.82 -3.64
C LYS A 250 36.35 -8.70 -4.24
N GLU A 251 35.92 -8.89 -5.47
CA GLU A 251 35.08 -7.91 -6.16
C GLU A 251 33.73 -7.79 -5.45
N LEU A 252 33.09 -8.94 -5.19
CA LEU A 252 31.80 -8.92 -4.50
C LEU A 252 31.97 -8.43 -3.08
N GLU A 253 33.05 -8.84 -2.41
CA GLU A 253 33.29 -8.34 -1.06
C GLU A 253 33.32 -6.80 -1.01
N LYS A 254 34.01 -6.17 -1.99
CA LYS A 254 34.12 -4.72 -2.06
C LYS A 254 32.77 -4.07 -2.27
N VAL A 255 31.98 -4.62 -3.21
CA VAL A 255 30.66 -4.08 -3.47
C VAL A 255 29.75 -4.21 -2.25
N LEU A 256 29.76 -5.39 -1.60
CA LEU A 256 28.92 -5.59 -0.43
C LEU A 256 29.37 -4.70 0.70
N ASP A 257 30.70 -4.58 0.93
CA ASP A 257 31.17 -3.71 2.02
CA ASP A 257 31.20 -3.71 2.01
C ASP A 257 30.74 -2.27 1.80
N GLU A 258 30.88 -1.76 0.57
CA GLU A 258 30.48 -0.38 0.29
C GLU A 258 28.97 -0.19 0.41
N ALA A 259 28.18 -1.18 -0.02
CA ALA A 259 26.73 -1.13 0.10
C ALA A 259 26.31 -1.09 1.58
N VAL A 260 26.96 -1.92 2.40
CA VAL A 260 26.62 -1.94 3.83
C VAL A 260 26.87 -0.58 4.48
N SER A 261 27.97 0.13 4.11
CA SER A 261 28.30 1.42 4.73
C SER A 261 27.64 2.61 4.03
N SER A 262 26.84 2.37 2.97
CA SER A 262 26.21 3.44 2.21
C SER A 262 24.96 4.05 2.83
N GLY A 263 24.38 3.41 3.83
CA GLY A 263 23.15 3.90 4.45
C GLY A 263 21.91 3.12 4.03
N VAL A 264 22.02 2.15 3.12
CA VAL A 264 20.86 1.35 2.75
C VAL A 264 20.41 0.49 3.93
N ASP A 265 19.16 0.05 3.85
CA ASP A 265 18.54 -0.81 4.89
C ASP A 265 18.43 -2.27 4.47
N ILE A 266 18.33 -2.52 3.14
CA ILE A 266 18.21 -3.85 2.58
C ILE A 266 19.14 -3.96 1.41
N ILE A 267 19.82 -5.12 1.30
CA ILE A 267 20.61 -5.44 0.14
C ILE A 267 19.98 -6.66 -0.49
N LEU A 268 19.73 -6.60 -1.80
CA LEU A 268 19.28 -7.74 -2.57
C LEU A 268 20.35 -8.12 -3.57
N THR A 269 20.79 -9.38 -3.52
CA THR A 269 21.65 -9.96 -4.54
C THR A 269 20.82 -11.01 -5.26
N SER A 270 21.24 -11.41 -6.48
CA SER A 270 20.69 -12.63 -7.05
C SER A 270 21.83 -13.43 -7.61
N GLY A 271 21.67 -14.74 -7.60
CA GLY A 271 22.68 -15.67 -8.08
C GLY A 271 23.83 -15.86 -7.11
N GLY A 272 24.69 -16.81 -7.44
CA GLY A 272 25.92 -17.06 -6.68
C GLY A 272 25.71 -17.39 -5.24
N VAL A 273 24.59 -18.01 -4.89
CA VAL A 273 24.22 -18.28 -3.50
C VAL A 273 24.05 -19.77 -3.19
N ASP A 274 24.02 -20.65 -4.19
CA ASP A 274 23.83 -22.09 -3.95
C ASP A 274 25.09 -22.91 -4.25
N MET A 275 25.05 -23.86 -5.20
CA MET A 275 26.18 -24.75 -5.47
C MET A 275 27.02 -24.12 -6.53
N GLY A 276 28.21 -24.67 -6.75
CA GLY A 276 29.14 -24.12 -7.73
C GLY A 276 30.33 -23.52 -7.03
N ASP A 277 31.48 -23.57 -7.68
CA ASP A 277 32.74 -23.15 -7.10
C ASP A 277 33.06 -21.67 -7.26
N ARG A 278 32.16 -20.90 -7.88
CA ARG A 278 32.38 -19.45 -7.99
C ARG A 278 31.12 -18.73 -7.51
N SER A 279 30.50 -19.25 -6.45
CA SER A 279 29.29 -18.71 -5.82
C SER A 279 29.69 -18.16 -4.47
N PHE A 280 29.95 -16.85 -4.41
CA PHE A 280 30.53 -16.23 -3.21
C PHE A 280 29.57 -15.46 -2.32
N VAL A 281 28.28 -15.35 -2.70
CA VAL A 281 27.36 -14.58 -1.84
C VAL A 281 27.25 -15.18 -0.45
N LYS A 282 26.96 -16.49 -0.36
CA LYS A 282 26.76 -17.12 0.93
C LYS A 282 28.02 -17.05 1.82
N PRO A 283 29.23 -17.42 1.34
CA PRO A 283 30.41 -17.27 2.21
C PRO A 283 30.68 -15.84 2.64
N LEU A 284 30.39 -14.85 1.79
CA LEU A 284 30.60 -13.46 2.19
C LEU A 284 29.54 -12.99 3.22
N LEU A 285 28.29 -13.46 3.10
CA LEU A 285 27.28 -13.09 4.10
C LEU A 285 27.63 -13.75 5.44
N GLU A 286 28.15 -14.98 5.41
CA GLU A 286 28.58 -15.67 6.65
C GLU A 286 29.76 -14.94 7.31
N GLU A 287 30.68 -14.37 6.50
CA GLU A 287 31.84 -13.65 7.03
C GLU A 287 31.48 -12.28 7.60
N LYS A 288 30.65 -11.53 6.88
CA LYS A 288 30.32 -10.16 7.24
C LYS A 288 29.22 -10.00 8.25
N GLY A 289 28.33 -10.97 8.32
CA GLY A 289 27.20 -10.87 9.25
C GLY A 289 26.76 -12.21 9.79
N LYS A 290 25.48 -12.31 10.10
CA LYS A 290 24.86 -13.50 10.67
C LYS A 290 23.83 -14.02 9.68
N VAL A 291 24.06 -15.22 9.16
CA VAL A 291 23.16 -15.92 8.25
C VAL A 291 22.19 -16.75 9.09
N TYR A 292 20.92 -16.42 9.00
CA TYR A 292 19.87 -17.10 9.75
C TYR A 292 19.39 -18.37 9.09
N PHE A 293 19.39 -18.41 7.75
CA PHE A 293 19.04 -19.60 6.98
C PHE A 293 19.55 -19.45 5.58
N SER A 294 19.74 -20.57 4.89
CA SER A 294 20.20 -20.60 3.50
C SER A 294 19.53 -21.68 2.65
N LYS A 295 18.54 -22.36 3.20
CA LYS A 295 17.83 -23.44 2.52
C LYS A 295 16.41 -23.42 3.01
N VAL A 296 15.44 -23.27 2.11
CA VAL A 296 14.03 -23.19 2.46
C VAL A 296 13.28 -24.26 1.71
N LEU A 297 12.34 -24.94 2.39
CA LEU A 297 11.59 -26.02 1.76
C LEU A 297 10.50 -25.44 0.89
N MET A 298 10.88 -24.99 -0.30
CA MET A 298 9.92 -24.37 -1.21
C MET A 298 10.38 -24.54 -2.63
N LYS A 299 9.41 -24.61 -3.55
CA LYS A 299 9.66 -24.63 -4.99
C LYS A 299 8.88 -23.48 -5.60
N PRO A 300 9.51 -22.58 -6.37
CA PRO A 300 10.96 -22.38 -6.51
C PRO A 300 11.43 -21.69 -5.23
N GLY A 301 12.73 -21.45 -5.10
CA GLY A 301 13.30 -20.64 -4.03
C GLY A 301 14.12 -21.33 -2.97
N LYS A 302 14.39 -22.62 -3.11
CA LYS A 302 15.05 -23.33 -2.03
C LYS A 302 16.42 -22.76 -1.62
N PRO A 303 17.28 -22.11 -2.41
CA PRO A 303 18.55 -21.63 -1.82
C PRO A 303 18.50 -20.24 -1.21
N LEU A 304 17.31 -19.68 -1.00
CA LEU A 304 17.17 -18.34 -0.42
C LEU A 304 17.98 -18.23 0.86
N THR A 305 18.78 -17.17 0.95
CA THR A 305 19.65 -16.91 2.10
C THR A 305 19.29 -15.56 2.71
N PHE A 306 19.17 -15.52 4.04
CA PHE A 306 18.81 -14.31 4.75
C PHE A 306 19.87 -14.04 5.83
N ALA A 307 20.37 -12.81 5.84
CA ALA A 307 21.40 -12.38 6.80
C ALA A 307 21.19 -10.99 7.32
N GLU A 308 21.77 -10.74 8.49
CA GLU A 308 21.77 -9.43 9.12
C GLU A 308 23.23 -9.01 9.21
N ILE A 309 23.55 -7.81 8.74
CA ILE A 309 24.90 -7.24 8.76
C ILE A 309 24.83 -5.93 9.55
N ARG A 310 25.86 -5.65 10.35
CA ARG A 310 25.92 -4.40 11.10
C ARG A 310 26.80 -3.45 10.32
N ALA A 311 26.29 -2.25 9.99
CA ALA A 311 27.12 -1.22 9.35
C ALA A 311 27.97 -0.64 10.49
N LYS A 312 29.25 -0.37 10.25
CA LYS A 312 30.13 0.19 11.30
C LYS A 312 29.75 1.65 11.66
N PRO A 313 29.66 2.08 12.97
CA PRO A 313 29.30 3.48 13.28
C PRO A 313 30.31 4.50 12.75
N GLY A 319 25.82 2.70 14.56
CA GLY A 319 25.92 1.95 13.30
C GLY A 319 24.77 0.98 13.15
N LYS A 320 23.97 1.15 12.11
CA LYS A 320 22.70 0.43 11.91
C LYS A 320 22.79 -0.97 11.31
N THR A 321 21.67 -1.67 11.35
CA THR A 321 21.59 -3.02 10.81
C THR A 321 21.14 -2.94 9.35
N VAL A 322 21.69 -3.86 8.56
CA VAL A 322 21.33 -3.97 7.14
C VAL A 322 20.89 -5.41 6.93
N LEU A 323 19.73 -5.59 6.31
CA LEU A 323 19.22 -6.92 6.01
C LEU A 323 19.67 -7.31 4.61
N ALA A 324 20.14 -8.53 4.44
CA ALA A 324 20.55 -9.01 3.14
C ALA A 324 19.76 -10.24 2.74
N PHE A 325 19.22 -10.24 1.51
CA PHE A 325 18.59 -11.40 0.93
C PHE A 325 19.42 -11.84 -0.26
N GLY A 326 19.96 -13.05 -0.14
CA GLY A 326 20.69 -13.68 -1.22
C GLY A 326 19.66 -14.43 -2.03
N LEU A 327 19.09 -13.78 -3.05
CA LEU A 327 18.02 -14.38 -3.80
C LEU A 327 18.58 -15.39 -4.78
N PRO A 328 17.80 -16.41 -5.14
CA PRO A 328 18.30 -17.39 -6.13
C PRO A 328 18.44 -16.75 -7.50
N GLY A 329 19.34 -17.27 -8.31
CA GLY A 329 19.62 -16.71 -9.63
C GLY A 329 18.54 -16.94 -10.67
N ASN A 330 17.85 -18.09 -10.60
CA ASN A 330 16.83 -18.34 -11.64
C ASN A 330 15.78 -17.25 -11.58
N PRO A 331 15.44 -16.65 -12.73
CA PRO A 331 14.51 -15.50 -12.70
C PRO A 331 13.21 -15.68 -11.92
N VAL A 332 12.56 -16.81 -12.11
CA VAL A 332 11.28 -17.06 -11.39
C VAL A 332 11.54 -17.11 -9.90
N SER A 333 12.56 -17.88 -9.51
CA SER A 333 12.90 -18.05 -8.09
C SER A 333 13.17 -16.70 -7.43
N CYS A 334 13.88 -15.84 -8.16
CA CYS A 334 14.26 -14.51 -7.70
C CYS A 334 13.00 -13.68 -7.39
N LEU A 335 12.07 -13.61 -8.33
CA LEU A 335 10.84 -12.83 -8.10
C LEU A 335 9.89 -13.45 -7.09
N VAL A 336 9.75 -14.77 -7.08
CA VAL A 336 8.89 -15.43 -6.10
C VAL A 336 9.43 -15.16 -4.68
N CYS A 337 10.74 -15.32 -4.49
CA CYS A 337 11.29 -15.04 -3.17
C CYS A 337 11.12 -13.57 -2.80
N PHE A 338 11.26 -12.67 -3.76
CA PHE A 338 11.01 -11.25 -3.48
C PHE A 338 9.57 -11.06 -2.98
N ASN A 339 8.62 -11.63 -3.69
CA ASN A 339 7.20 -11.47 -3.37
C ASN A 339 6.82 -12.07 -2.02
N ILE A 340 7.39 -13.22 -1.67
CA ILE A 340 7.05 -13.89 -0.43
CA ILE A 340 7.06 -13.91 -0.42
C ILE A 340 7.81 -13.34 0.78
N PHE A 341 9.10 -13.08 0.64
CA PHE A 341 9.94 -12.64 1.75
C PHE A 341 10.32 -11.18 1.80
N VAL A 342 10.62 -10.56 0.67
CA VAL A 342 11.12 -9.19 0.69
C VAL A 342 9.98 -8.19 0.88
N VAL A 343 8.84 -8.41 0.22
CA VAL A 343 7.72 -7.47 0.34
C VAL A 343 7.30 -7.30 1.81
N PRO A 344 7.02 -8.38 2.57
CA PRO A 344 6.63 -8.17 3.98
C PRO A 344 7.74 -7.52 4.80
N THR A 345 9.00 -7.74 4.43
CA THR A 345 10.12 -7.11 5.15
C THR A 345 10.15 -5.60 4.90
N ILE A 346 9.97 -5.19 3.64
CA ILE A 346 9.85 -3.78 3.32
C ILE A 346 8.71 -3.17 4.15
N ARG A 347 7.55 -3.83 4.14
CA ARG A 347 6.38 -3.30 4.86
C ARG A 347 6.65 -3.24 6.37
N GLN A 348 7.30 -4.23 6.94
CA GLN A 348 7.61 -4.21 8.38
C GLN A 348 8.56 -3.05 8.69
N LEU A 349 9.60 -2.86 7.87
CA LEU A 349 10.50 -1.74 8.09
C LEU A 349 9.77 -0.40 7.99
N ALA A 350 8.78 -0.33 7.09
CA ALA A 350 7.98 0.86 6.87
C ALA A 350 6.81 0.95 7.87
N GLY A 351 6.81 0.15 8.93
CA GLY A 351 5.84 0.31 10.00
C GLY A 351 4.47 -0.28 9.79
N TRP A 352 4.27 -1.11 8.77
CA TRP A 352 2.98 -1.73 8.58
C TRP A 352 2.69 -2.71 9.73
N THR A 353 1.47 -2.63 10.29
CA THR A 353 1.10 -3.53 11.37
C THR A 353 0.63 -4.87 10.77
N SER A 354 0.17 -4.90 9.51
CA SER A 354 -0.25 -6.12 8.83
C SER A 354 0.56 -6.24 7.50
N PRO A 355 1.84 -6.69 7.60
CA PRO A 355 2.68 -6.75 6.39
C PRO A 355 2.44 -7.99 5.54
N HIS A 356 1.77 -9.00 6.10
CA HIS A 356 1.55 -10.28 5.43
C HIS A 356 0.68 -10.11 4.20
N PRO A 357 0.90 -10.98 3.21
CA PRO A 357 0.18 -10.80 1.93
C PRO A 357 -1.24 -11.27 2.05
N LEU A 358 -2.13 -10.75 1.20
CA LEU A 358 -3.50 -11.19 1.24
C LEU A 358 -3.50 -12.64 0.72
N ARG A 359 -4.08 -13.54 1.49
CA ARG A 359 -4.31 -14.92 1.10
C ARG A 359 -5.82 -15.10 0.97
N VAL A 360 -6.25 -15.72 -0.14
CA VAL A 360 -7.66 -16.02 -0.37
C VAL A 360 -7.74 -17.51 -0.69
N ARG A 361 -8.96 -18.02 -0.78
CA ARG A 361 -9.24 -19.39 -1.23
C ARG A 361 -9.85 -19.21 -2.62
N LEU A 362 -9.53 -20.13 -3.52
CA LEU A 362 -10.02 -20.05 -4.88
C LEU A 362 -10.16 -21.42 -5.45
N ARG A 363 -10.86 -21.52 -6.58
CA ARG A 363 -11.06 -22.79 -7.27
C ARG A 363 -10.21 -22.85 -8.54
N LEU A 364 -9.58 -24.00 -8.75
CA LEU A 364 -8.75 -24.19 -9.95
C LEU A 364 -9.60 -24.35 -11.21
N GLN A 365 -9.24 -23.64 -12.30
CA GLN A 365 -9.95 -23.78 -13.59
C GLN A 365 -9.37 -24.93 -14.42
N GLU A 366 -8.22 -25.48 -14.01
CA GLU A 366 -7.57 -26.57 -14.75
C GLU A 366 -6.85 -27.45 -13.76
N PRO A 367 -6.49 -28.68 -14.14
CA PRO A 367 -5.75 -29.53 -13.20
C PRO A 367 -4.29 -29.10 -13.06
N ILE A 368 -3.76 -29.24 -11.84
CA ILE A 368 -2.38 -28.88 -11.55
C ILE A 368 -1.72 -29.99 -10.74
N LYS A 369 -0.49 -30.36 -11.12
CA LYS A 369 0.27 -31.39 -10.41
C LYS A 369 1.16 -30.72 -9.37
N SER A 370 1.03 -31.13 -8.09
CA SER A 370 1.87 -30.59 -7.04
C SER A 370 3.21 -31.36 -7.03
N ASP A 371 4.21 -30.86 -6.29
CA ASP A 371 5.52 -31.50 -6.21
C ASP A 371 5.47 -32.55 -5.08
N PRO A 372 6.21 -33.68 -5.16
CA PRO A 372 6.16 -34.65 -4.05
C PRO A 372 6.99 -34.27 -2.82
N ILE A 373 8.01 -33.37 -2.94
CA ILE A 373 8.88 -33.01 -1.81
C ILE A 373 8.66 -31.61 -1.27
N ARG A 374 8.64 -30.62 -2.15
CA ARG A 374 8.57 -29.24 -1.72
C ARG A 374 7.23 -28.59 -1.97
N PRO A 375 6.65 -27.85 -0.99
CA PRO A 375 5.44 -27.07 -1.29
C PRO A 375 5.77 -26.11 -2.42
N GLU A 376 4.90 -26.02 -3.43
CA GLU A 376 5.16 -25.22 -4.62
C GLU A 376 4.31 -23.97 -4.67
N PHE A 377 4.91 -22.85 -5.11
CA PHE A 377 4.23 -21.56 -5.26
C PHE A 377 4.00 -21.40 -6.76
N HIS A 378 2.90 -21.98 -7.23
CA HIS A 378 2.55 -22.08 -8.64
C HIS A 378 1.93 -20.80 -9.13
N ARG A 379 2.49 -20.21 -10.20
CA ARG A 379 2.02 -18.91 -10.68
C ARG A 379 0.67 -19.04 -11.38
N ALA A 380 -0.24 -18.09 -11.07
CA ALA A 380 -1.58 -18.12 -11.64
C ALA A 380 -2.07 -16.73 -11.95
N ILE A 381 -3.06 -16.67 -12.84
CA ILE A 381 -3.80 -15.46 -13.15
C ILE A 381 -5.17 -15.75 -12.55
N ILE A 382 -5.56 -14.97 -11.58
CA ILE A 382 -6.85 -15.17 -10.93
C ILE A 382 -7.80 -14.04 -11.23
N LYS A 383 -9.08 -14.34 -11.14
CA LYS A 383 -10.13 -13.36 -11.37
C LYS A 383 -11.34 -13.71 -10.54
N TRP A 384 -12.16 -12.72 -10.24
CA TRP A 384 -13.39 -12.97 -9.52
C TRP A 384 -14.49 -13.28 -10.52
N LYS A 385 -15.25 -14.34 -10.28
CA LYS A 385 -16.37 -14.70 -11.15
C LYS A 385 -17.66 -14.72 -10.37
N ASP A 386 -18.79 -14.43 -11.06
CA ASP A 386 -20.13 -14.52 -10.49
C ASP A 386 -20.45 -15.99 -10.19
N ASN A 387 -19.89 -16.91 -10.99
CA ASN A 387 -19.98 -18.35 -10.73
C ASN A 387 -18.56 -18.90 -10.81
N ASP A 388 -18.02 -19.37 -9.67
CA ASP A 388 -16.65 -19.91 -9.62
C ASP A 388 -16.59 -21.40 -10.04
N GLY A 389 -17.71 -21.93 -10.53
CA GLY A 389 -17.87 -23.33 -10.93
C GLY A 389 -18.79 -24.10 -10.00
N SER A 390 -18.93 -23.65 -8.74
CA SER A 390 -19.77 -24.28 -7.71
C SER A 390 -21.16 -23.63 -7.54
N GLY A 391 -21.52 -22.70 -8.43
CA GLY A 391 -22.82 -22.01 -8.36
C GLY A 391 -22.80 -20.73 -7.52
N THR A 392 -21.69 -20.44 -6.81
CA THR A 392 -21.60 -19.24 -5.98
C THR A 392 -20.40 -18.39 -6.44
N PRO A 393 -20.47 -17.05 -6.29
CA PRO A 393 -19.33 -16.20 -6.69
C PRO A 393 -18.03 -16.50 -5.96
N GLY A 394 -16.91 -16.29 -6.62
CA GLY A 394 -15.63 -16.55 -5.99
C GLY A 394 -14.48 -16.37 -6.95
N PHE A 395 -13.28 -16.47 -6.42
CA PHE A 395 -12.09 -16.37 -7.25
C PHE A 395 -11.85 -17.71 -7.93
N VAL A 396 -11.27 -17.64 -9.12
CA VAL A 396 -10.87 -18.82 -9.87
C VAL A 396 -9.45 -18.56 -10.34
N ALA A 397 -8.70 -19.61 -10.66
CA ALA A 397 -7.32 -19.45 -11.12
C ALA A 397 -7.02 -20.28 -12.34
N GLU A 398 -6.20 -19.70 -13.20
CA GLU A 398 -5.61 -20.37 -14.34
C GLU A 398 -4.11 -20.37 -14.11
N SER A 399 -3.47 -21.47 -14.48
CA SER A 399 -2.03 -21.60 -14.45
C SER A 399 -1.44 -20.74 -15.57
N THR A 400 -0.22 -20.23 -15.36
CA THR A 400 0.55 -19.53 -16.39
C THR A 400 1.33 -20.54 -17.27
N GLY A 401 1.16 -21.84 -17.01
CA GLY A 401 1.74 -22.90 -17.83
C GLY A 401 2.94 -23.57 -17.19
N HIS A 402 3.95 -23.93 -18.00
CA HIS A 402 5.15 -24.59 -17.49
C HIS A 402 5.76 -23.74 -16.37
N GLN A 403 6.11 -24.37 -15.24
CA GLN A 403 6.58 -23.66 -14.05
C GLN A 403 8.09 -23.72 -13.81
N MET A 404 8.86 -24.12 -14.82
N MET A 404 8.88 -24.18 -14.81
CA MET A 404 10.31 -24.22 -14.67
CA MET A 404 10.35 -24.26 -14.66
C MET A 404 10.88 -22.87 -14.21
C MET A 404 10.89 -22.89 -14.22
N SER A 405 11.80 -22.90 -13.25
CA SER A 405 12.30 -21.64 -12.65
C SER A 405 13.11 -20.74 -13.59
N SER A 406 13.58 -21.28 -14.73
CA SER A 406 14.28 -20.48 -15.73
C SER A 406 13.31 -19.76 -16.66
N ARG A 407 12.00 -20.07 -16.57
CA ARG A 407 10.98 -19.58 -17.49
C ARG A 407 10.25 -18.38 -16.91
N LEU A 408 10.80 -17.18 -17.14
CA LEU A 408 10.20 -15.96 -16.65
C LEU A 408 8.81 -15.72 -17.27
N LEU A 409 8.51 -16.32 -18.44
CA LEU A 409 7.15 -16.23 -18.96
C LEU A 409 6.12 -16.82 -18.01
N SER A 410 6.52 -17.70 -17.07
CA SER A 410 5.57 -18.22 -16.10
C SER A 410 5.17 -17.14 -15.08
N MET A 411 5.86 -15.98 -15.02
CA MET A 411 5.46 -14.88 -14.12
C MET A 411 4.61 -13.87 -14.88
N ARG A 412 4.59 -13.93 -16.21
CA ARG A 412 3.90 -12.95 -17.01
C ARG A 412 2.42 -12.87 -16.65
N SER A 413 1.98 -11.68 -16.24
CA SER A 413 0.60 -11.40 -15.86
C SER A 413 0.16 -12.12 -14.60
N ALA A 414 1.05 -12.88 -13.91
CA ALA A 414 0.63 -13.63 -12.75
C ALA A 414 0.32 -12.67 -11.62
N ASN A 415 -0.87 -12.78 -11.05
CA ASN A 415 -1.29 -11.94 -9.93
C ASN A 415 -1.44 -12.74 -8.63
N ALA A 416 -1.15 -14.04 -8.66
CA ALA A 416 -1.19 -14.85 -7.46
C ALA A 416 -0.22 -16.01 -7.53
N LEU A 417 0.10 -16.53 -6.34
CA LEU A 417 0.89 -17.73 -6.18
C LEU A 417 0.01 -18.73 -5.47
N LEU A 418 -0.28 -19.86 -6.13
CA LEU A 418 -1.09 -20.93 -5.52
C LEU A 418 -0.17 -21.68 -4.56
N GLU A 419 -0.65 -21.91 -3.33
CA GLU A 419 0.13 -22.58 -2.29
C GLU A 419 -0.14 -24.05 -2.37
N LEU A 420 0.61 -24.77 -3.19
CA LEU A 420 0.34 -26.20 -3.36
C LEU A 420 1.06 -27.01 -2.30
N PRO A 421 0.36 -27.92 -1.59
CA PRO A 421 1.09 -28.76 -0.60
C PRO A 421 2.00 -29.77 -1.29
N ALA A 422 2.97 -30.32 -0.55
CA ALA A 422 3.93 -31.29 -1.10
C ALA A 422 3.36 -32.73 -1.08
N THR A 423 2.33 -32.97 -1.89
CA THR A 423 1.66 -34.29 -1.99
C THR A 423 1.99 -35.08 -3.24
N GLY A 424 2.43 -34.40 -4.30
CA GLY A 424 2.74 -35.07 -5.56
C GLY A 424 1.51 -35.52 -6.34
N ASN A 425 0.29 -35.15 -5.88
CA ASN A 425 -0.97 -35.53 -6.50
C ASN A 425 -1.43 -34.48 -7.49
N VAL A 426 -2.30 -34.88 -8.42
CA VAL A 426 -2.88 -33.96 -9.39
C VAL A 426 -4.12 -33.38 -8.72
N LEU A 427 -4.16 -32.06 -8.57
CA LEU A 427 -5.31 -31.38 -8.00
C LEU A 427 -6.24 -31.12 -9.17
N SER A 428 -7.44 -31.68 -9.12
CA SER A 428 -8.40 -31.56 -10.22
C SER A 428 -8.95 -30.15 -10.38
N ALA A 429 -9.43 -29.85 -11.60
CA ALA A 429 -10.11 -28.60 -11.89
C ALA A 429 -11.38 -28.61 -11.02
N GLY A 430 -11.70 -27.48 -10.42
CA GLY A 430 -12.81 -27.35 -9.49
C GLY A 430 -12.40 -27.50 -8.03
N SER A 431 -11.17 -28.01 -7.75
CA SER A 431 -10.73 -28.14 -6.35
C SER A 431 -10.27 -26.78 -5.84
N SER A 432 -10.26 -26.61 -4.51
CA SER A 432 -9.90 -25.33 -3.92
C SER A 432 -8.50 -25.33 -3.31
N VAL A 433 -7.80 -24.19 -3.43
CA VAL A 433 -6.46 -24.04 -2.87
C VAL A 433 -6.36 -22.66 -2.25
N SER A 434 -5.35 -22.47 -1.43
CA SER A 434 -5.03 -21.17 -0.89
C SER A 434 -4.16 -20.47 -1.92
N ALA A 435 -4.27 -19.16 -2.04
CA ALA A 435 -3.46 -18.39 -2.97
C ALA A 435 -3.01 -17.08 -2.34
N ILE A 436 -1.76 -16.70 -2.59
CA ILE A 436 -1.18 -15.41 -2.17
C ILE A 436 -1.36 -14.44 -3.30
N ILE A 437 -2.01 -13.30 -3.05
CA ILE A 437 -2.21 -12.26 -4.05
C ILE A 437 -0.98 -11.37 -4.06
N VAL A 438 -0.33 -11.26 -5.21
CA VAL A 438 0.93 -10.53 -5.32
C VAL A 438 0.83 -9.22 -6.09
N SER A 439 -0.31 -8.86 -6.68
CA SER A 439 -0.39 -7.57 -7.38
C SER A 439 -1.68 -6.90 -7.06
N ASP A 440 -1.62 -5.56 -6.85
CA ASP A 440 -2.70 -4.68 -6.41
C ASP A 440 -4.01 -5.30 -6.77
N ILE A 441 -4.82 -5.73 -5.80
CA ILE A 441 -6.07 -6.39 -6.07
C ILE A 441 -7.07 -5.41 -6.63
N SER A 442 -6.84 -4.07 -6.53
CA SER A 442 -7.83 -3.12 -7.02
C SER A 442 -7.55 -2.83 -8.51
N ALA A 443 -6.44 -3.38 -9.04
CA ALA A 443 -6.11 -3.26 -10.46
C ALA A 443 -6.33 -4.62 -11.16
N PHE A 444 -7.10 -5.58 -10.53
CA PHE A 444 -7.37 -6.88 -11.15
C PHE A 444 -8.29 -6.64 -12.33
N SER A 445 -7.98 -7.33 -13.45
CA SER A 445 -8.80 -7.32 -14.65
C SER A 445 -10.06 -8.15 -14.33
N ILE A 446 -11.22 -7.62 -14.68
CA ILE A 446 -12.51 -8.24 -14.39
C ILE A 446 -12.75 -9.43 -15.32
N ASP A 447 -13.61 -10.35 -14.89
CA ASP A 447 -14.01 -11.49 -15.70
C ASP A 447 -14.88 -10.98 -16.85
C1 NWS B . 20.62 -17.50 -14.14
C2 NWS B . 23.13 -28.79 -7.91
C3 NWS B . 21.97 -18.20 -14.43
C4 NWS B . 21.60 -19.66 -14.15
C5 NWS B . 21.18 -28.24 -6.44
C6 NWS B . 20.57 -19.54 -13.03
C7 NWS B . 21.00 -27.06 -7.29
C8 NWS B . 21.20 -19.73 -11.66
C9 NWS B . 19.40 -25.66 -8.37
C10 NWS B . 20.51 -24.94 -9.13
C11 NWS B . 21.89 -26.84 -8.42
C12 NWS B . 20.34 -12.63 -13.91
C13 NWS B . 20.75 -13.91 -13.52
C14 NWS B . 21.65 -15.72 -12.67
C15 NWS B . 20.26 -15.00 -14.26
C16 NWS B . 18.93 -13.63 -15.58
C17 NWS B . 20.36 -21.70 -7.56
C18 NWS B . 19.96 -22.77 -8.54
C19 NWS B . 18.61 -23.28 -8.16
C20 NWS B . 18.33 -24.69 -8.05
N1 NWS B . 22.93 -27.75 -8.75
N2 NWS B . 24.22 -29.66 -8.19
N3 NWS B . 22.33 -29.00 -6.73
N4 NWS B . 19.95 -26.13 -7.05
N5 NWS B . 21.71 -25.78 -9.36
N6 NWS B . 20.80 -11.47 -13.24
N7 NWS B . 21.64 -14.35 -12.56
N8 NWS B . 20.83 -16.12 -13.69
N9 NWS B . 19.34 -14.91 -15.27
N10 NWS B . 19.42 -12.53 -14.93
O1 NWS B . 22.42 -17.97 -15.74
O2 NWS B . 21.03 -20.27 -15.29
O3 NWS B . 20.62 -28.39 -5.36
O4 NWS B . 20.01 -18.22 -13.06
O5 NWS B . 22.30 -18.85 -11.42
O6 NWS B . 22.25 -19.07 -9.05
O7 NWS B . 24.19 -18.11 -10.03
O8 NWS B . 23.83 -20.52 -10.22
O9 NWS B . 23.42 -19.82 -6.95
O10 NWS B . 21.05 -19.06 -6.88
O11 NWS B . 21.63 -21.24 -7.93
O12 NWS B . 20.96 -23.78 -8.46
O13 NWS B . 14.52 -23.94 -5.81
O14 NWS B . 14.66 -21.74 -6.78
O15 NWS B . 14.53 -23.65 -9.15
P1 NWS B . 23.22 -19.16 -10.18
P2 NWS B . 22.12 -19.76 -7.58
S1 NWS B . 17.28 -22.14 -7.90
S2 NWS B . 16.76 -25.29 -7.50
MO1 NWS B . 15.26 -23.46 -7.56
H1 NWS B . 19.99 -17.54 -15.03
H2 NWS B . 22.75 -17.88 -13.73
H3 NWS B . 22.48 -20.22 -13.82
H4 NWS B . 19.79 -20.29 -13.16
H6 NWS B . 21.54 -20.76 -11.57
H5 NWS B . 20.42 -19.55 -10.90
H7 NWS B . 19.00 -26.51 -8.96
H8 NWS B . 20.14 -24.67 -10.12
H9 NWS B . 22.25 -16.36 -12.04
H10 NWS B . 18.25 -13.49 -16.43
H11 NWS B . 20.44 -22.13 -6.54
H12 NWS B . 19.63 -20.88 -7.58
H13 NWS B . 19.92 -22.37 -9.56
H16 NWS B . 24.77 -29.53 -9.00
H17 NWS B . 24.37 -30.44 -7.59
H18 NWS B . 22.55 -29.78 -6.14
H19 NWS B . 19.66 -25.78 -6.17
H20 NWS B . 22.28 -25.69 -10.17
H21 NWS B . 21.47 -11.54 -12.51
H22 NWS B . 20.44 -10.58 -13.51
H23 NWS B . 23.40 -17.92 -15.75
H24 NWS B . 20.07 -20.06 -15.40
MG MG C . 25.94 -17.41 -11.30
O1 MES D . 5.93 17.34 13.68
C2 MES D . 4.90 16.89 12.81
C3 MES D . 3.53 17.32 13.29
N4 MES D . 3.29 16.80 14.68
C5 MES D . 4.42 17.18 15.59
C6 MES D . 5.74 16.78 14.98
C7 MES D . 1.96 17.26 15.24
C8 MES D . 0.71 16.63 14.59
S MES D . -0.74 17.29 15.37
O1S MES D . -1.86 16.58 14.79
O2S MES D . -0.60 17.03 16.79
O3S MES D . -0.75 18.70 15.06
C1 PGE E . 33.33 -6.97 -25.11
O1 PGE E . 32.42 -6.49 -26.08
C2 PGE E . 33.06 -6.28 -23.76
O2 PGE E . 32.18 -7.06 -23.00
C3 PGE E . 31.96 -6.50 -21.74
C4 PGE E . 30.59 -6.87 -21.18
O4 PGE E . 31.98 -10.97 -19.57
C6 PGE E . 30.90 -10.31 -20.18
C5 PGE E . 31.45 -9.01 -20.76
O3 PGE E . 30.40 -8.25 -21.27
H1 PGE E . 33.24 -7.92 -25.02
H12 PGE E . 34.23 -6.76 -25.38
HO1 PGE E . 32.60 -6.84 -26.82
H2 PGE E . 33.88 -6.17 -23.28
H22 PGE E . 32.65 -5.41 -23.92
H3 PGE E . 31.99 -5.54 -21.84
H32 PGE E . 32.65 -6.79 -21.13
H4 PGE E . 29.89 -6.40 -21.66
H42 PGE E . 30.56 -6.61 -20.24
HO4 PGE E . 31.70 -11.67 -19.19
H6 PGE E . 30.55 -10.86 -20.89
H62 PGE E . 30.21 -10.12 -19.53
H5 PGE E . 31.90 -8.50 -20.06
H52 PGE E . 32.07 -9.20 -21.47
#